data_1JGL
#
_entry.id   1JGL
#
_cell.length_a   48.207
_cell.length_b   64.496
_cell.length_c   165.285
_cell.angle_alpha   90.00
_cell.angle_beta   90.00
_cell.angle_gamma   90.00
#
_symmetry.space_group_name_H-M   'P 21 21 21'
#
loop_
_entity.id
_entity.type
_entity.pdbx_description
1 polymer 'Ig kappa-chain'
2 polymer 'Ig gamma-1-chain'
3 non-polymer ESTRADIOL
4 water water
#
loop_
_entity_poly.entity_id
_entity_poly.type
_entity_poly.pdbx_seq_one_letter_code
_entity_poly.pdbx_strand_id
1 'polypeptide(L)'
;DIQMTQSPASLSASVGETVTITCRASGNIHNYLAWYQQKQGKSPQLLVYNAKTLADGVPSRFSGSGSGTQYSLKINSLQP
EDFGTYYCHHFWSTPWTFGGGTKLEVKRADAAPTVSIFPPSSEQLTSGGASVVCFLNNFYPKDINVKWKIDGSERQNGVL
NSWTDQDSKDSTYSMSSTLTLTKDEYERHNSYTCEATHKTSTSPIVKSFNRNEC
;
L
2 'polypeptide(L)'
;QIQLVQSGPELKKPGETVRISCKASDYSFMTSGMQWVQQMPGKGLKWIGWLNTQSGVPEYAEDFKGRFAFSLETSATTAY
LQINNLKNEDTATYFCATWGGNSAYWGQGTTLTVSSAKTTPPSVYPLAPGSAAQTNSMVTLGCLVKGYFPEPVTVTWNSG
SLSSGVHTFPAVLQSDLYTLSSSVTVPSSTWPSETVTCNVAHPASSTKVDKKIVPRDC
;
H
#
# COMPACT_ATOMS: atom_id res chain seq x y z
N ASP A 1 16.31 -1.58 26.58
CA ASP A 1 15.40 -1.99 25.47
C ASP A 1 16.19 -2.64 24.35
N ILE A 2 15.63 -3.71 23.80
CA ILE A 2 16.29 -4.46 22.74
C ILE A 2 15.70 -4.17 21.36
N GLN A 3 16.57 -3.83 20.42
CA GLN A 3 16.16 -3.53 19.05
C GLN A 3 16.51 -4.70 18.13
N MET A 4 15.75 -4.86 17.06
CA MET A 4 15.98 -5.94 16.11
C MET A 4 16.42 -5.39 14.76
N THR A 5 17.54 -5.91 14.27
CA THR A 5 18.07 -5.50 12.99
C THR A 5 17.80 -6.65 12.01
N GLN A 6 16.91 -6.39 11.07
CA GLN A 6 16.52 -7.40 10.10
C GLN A 6 17.13 -7.20 8.73
N SER A 7 17.55 -8.29 8.10
CA SER A 7 18.14 -8.20 6.78
C SER A 7 17.92 -9.48 6.00
N PRO A 8 17.88 -9.38 4.66
CA PRO A 8 18.02 -8.07 4.00
C PRO A 8 16.68 -7.34 3.95
N ALA A 9 16.71 -6.06 3.61
CA ALA A 9 15.49 -5.28 3.54
C ALA A 9 14.66 -5.72 2.34
N SER A 10 15.36 -6.10 1.26
CA SER A 10 14.69 -6.55 0.03
C SER A 10 15.32 -7.84 -0.46
N LEU A 11 14.49 -8.72 -1.01
CA LEU A 11 14.97 -9.98 -1.53
C LEU A 11 14.14 -10.34 -2.75
N SER A 12 14.80 -10.89 -3.76
CA SER A 12 14.13 -11.29 -4.99
C SER A 12 14.40 -12.76 -5.24
N ALA A 13 13.39 -13.51 -5.61
CA ALA A 13 13.59 -14.93 -5.84
C ALA A 13 12.44 -15.53 -6.64
N SER A 14 12.62 -16.77 -7.07
CA SER A 14 11.60 -17.44 -7.86
C SER A 14 11.04 -18.67 -7.19
N VAL A 15 9.86 -19.08 -7.64
CA VAL A 15 9.21 -20.26 -7.12
C VAL A 15 10.21 -21.42 -7.20
N GLY A 16 10.28 -22.22 -6.14
CA GLY A 16 11.20 -23.33 -6.15
C GLY A 16 12.51 -23.09 -5.43
N GLU A 17 12.90 -21.82 -5.31
CA GLU A 17 14.16 -21.50 -4.64
C GLU A 17 14.00 -21.39 -3.14
N THR A 18 15.13 -21.28 -2.45
CA THR A 18 15.15 -21.15 -1.00
C THR A 18 15.76 -19.81 -0.61
N VAL A 19 15.22 -19.16 0.40
CA VAL A 19 15.75 -17.89 0.86
C VAL A 19 15.87 -17.88 2.38
N THR A 20 16.73 -17.01 2.90
CA THR A 20 16.94 -16.92 4.34
C THR A 20 16.86 -15.47 4.77
N ILE A 21 16.08 -15.23 5.82
CA ILE A 21 15.91 -13.90 6.39
C ILE A 21 16.48 -13.95 7.79
N THR A 22 17.28 -12.97 8.17
CA THR A 22 17.87 -12.97 9.50
C THR A 22 17.50 -11.75 10.31
N CYS A 23 17.49 -11.93 11.63
CA CYS A 23 17.22 -10.85 12.57
C CYS A 23 18.23 -10.98 13.69
N ARG A 24 18.80 -9.85 14.09
CA ARG A 24 19.75 -9.86 15.19
C ARG A 24 19.30 -8.88 16.25
N ALA A 25 19.29 -9.34 17.50
CA ALA A 25 18.86 -8.54 18.62
C ALA A 25 20.06 -7.82 19.26
N SER A 26 19.85 -6.62 19.78
CA SER A 26 20.93 -5.87 20.41
C SER A 26 21.25 -6.44 21.80
N GLY A 27 20.45 -7.42 22.23
CA GLY A 27 20.65 -8.07 23.51
C GLY A 27 20.00 -9.45 23.50
N ASN A 28 20.50 -10.36 24.33
CA ASN A 28 19.97 -11.73 24.38
C ASN A 28 18.46 -11.77 24.61
N ILE A 29 17.71 -12.39 23.70
CA ILE A 29 16.27 -12.48 23.89
C ILE A 29 15.81 -13.91 24.19
N HIS A 30 16.75 -14.78 24.46
CA HIS A 30 16.49 -16.17 24.83
C HIS A 30 15.37 -16.89 24.06
N ASN A 31 15.40 -16.82 22.74
CA ASN A 31 14.40 -17.47 21.88
C ASN A 31 13.01 -16.88 21.84
N TYR A 32 12.82 -15.73 22.49
CA TYR A 32 11.52 -15.07 22.49
C TYR A 32 11.35 -14.25 21.22
N LEU A 33 11.25 -14.94 20.08
CA LEU A 33 11.12 -14.28 18.80
C LEU A 33 10.02 -14.89 17.93
N ALA A 34 9.27 -14.04 17.24
CA ALA A 34 8.21 -14.50 16.38
C ALA A 34 8.49 -14.01 14.96
N TRP A 35 7.97 -14.73 13.98
CA TRP A 35 8.15 -14.33 12.58
C TRP A 35 6.76 -14.18 11.98
N TYR A 36 6.54 -13.05 11.31
CA TYR A 36 5.26 -12.76 10.69
C TYR A 36 5.36 -12.55 9.19
N GLN A 37 4.26 -12.85 8.51
CA GLN A 37 4.15 -12.66 7.08
C GLN A 37 3.00 -11.69 6.85
N GLN A 38 3.21 -10.70 5.99
CA GLN A 38 2.14 -9.75 5.69
C GLN A 38 1.98 -9.57 4.19
N LYS A 39 0.76 -9.74 3.74
CA LYS A 39 0.41 -9.58 2.33
C LYS A 39 -0.23 -8.22 2.17
N GLN A 40 0.09 -7.54 1.07
CA GLN A 40 -0.46 -6.24 0.73
C GLN A 40 -1.31 -5.54 1.81
N GLY A 41 -0.65 -5.05 2.86
CA GLY A 41 -1.33 -4.33 3.92
C GLY A 41 -2.25 -5.07 4.88
N LYS A 42 -2.69 -6.27 4.50
CA LYS A 42 -3.59 -7.08 5.32
C LYS A 42 -3.01 -7.41 6.69
N SER A 43 -3.82 -8.03 7.54
CA SER A 43 -3.38 -8.40 8.88
C SER A 43 -2.20 -9.36 8.79
N PRO A 44 -1.16 -9.12 9.61
CA PRO A 44 0.00 -10.00 9.61
C PRO A 44 -0.43 -11.39 10.09
N GLN A 45 0.28 -12.41 9.66
CA GLN A 45 -0.04 -13.76 10.05
C GLN A 45 1.19 -14.45 10.65
N LEU A 46 1.00 -15.07 11.81
CA LEU A 46 2.11 -15.73 12.49
C LEU A 46 2.64 -16.95 11.76
N LEU A 47 3.95 -17.06 11.69
CA LEU A 47 4.59 -18.20 11.03
C LEU A 47 5.28 -19.05 12.07
N VAL A 48 6.12 -18.42 12.87
CA VAL A 48 6.90 -19.10 13.89
C VAL A 48 6.99 -18.24 15.14
N TYR A 49 6.99 -18.89 16.31
CA TYR A 49 7.13 -18.16 17.57
C TYR A 49 8.06 -18.96 18.49
N ASN A 50 8.69 -18.30 19.45
CA ASN A 50 9.66 -18.93 20.33
C ASN A 50 10.81 -19.41 19.47
N ALA A 51 11.13 -18.61 18.46
CA ALA A 51 12.23 -18.88 17.54
C ALA A 51 12.10 -20.06 16.59
N LYS A 52 11.50 -21.17 17.03
CA LYS A 52 11.41 -22.35 16.19
C LYS A 52 10.10 -23.15 16.14
N THR A 53 9.08 -22.69 16.84
CA THR A 53 7.82 -23.43 16.82
C THR A 53 6.88 -22.90 15.73
N LEU A 54 6.47 -23.78 14.83
CA LEU A 54 5.56 -23.39 13.75
C LEU A 54 4.15 -23.21 14.28
N ALA A 55 3.50 -22.12 13.86
CA ALA A 55 2.13 -21.87 14.29
C ALA A 55 1.19 -22.77 13.51
N ASP A 56 -0.04 -22.91 13.99
CA ASP A 56 -1.02 -23.76 13.32
C ASP A 56 -1.19 -23.40 11.85
N GLY A 57 -1.28 -24.44 11.02
CA GLY A 57 -1.48 -24.27 9.59
C GLY A 57 -0.31 -23.77 8.78
N VAL A 58 0.82 -23.53 9.42
CA VAL A 58 1.98 -23.03 8.71
C VAL A 58 2.73 -24.14 7.99
N PRO A 59 2.82 -24.06 6.65
CA PRO A 59 3.53 -25.05 5.83
C PRO A 59 4.90 -25.33 6.41
N SER A 60 5.31 -26.60 6.38
CA SER A 60 6.61 -26.97 6.92
C SER A 60 7.80 -26.47 6.11
N ARG A 61 7.55 -25.84 4.97
CA ARG A 61 8.69 -25.33 4.21
C ARG A 61 9.21 -24.06 4.91
N PHE A 62 8.50 -23.63 5.94
CA PHE A 62 8.92 -22.48 6.74
C PHE A 62 9.62 -23.02 7.98
N SER A 63 10.74 -22.44 8.36
CA SER A 63 11.42 -22.90 9.58
C SER A 63 12.28 -21.81 10.17
N GLY A 64 12.21 -21.67 11.49
CA GLY A 64 12.98 -20.67 12.18
C GLY A 64 14.07 -21.31 13.01
N SER A 65 15.16 -20.59 13.24
CA SER A 65 16.25 -21.13 14.03
C SER A 65 17.04 -20.00 14.70
N GLY A 66 18.07 -20.37 15.46
CA GLY A 66 18.91 -19.40 16.13
C GLY A 66 18.82 -19.43 17.65
N SER A 67 19.59 -18.57 18.29
CA SER A 67 19.59 -18.48 19.75
C SER A 67 20.36 -17.24 20.17
N GLY A 68 20.25 -16.89 21.45
CA GLY A 68 20.94 -15.71 21.94
C GLY A 68 20.41 -14.46 21.26
N THR A 69 21.21 -13.89 20.37
CA THR A 69 20.82 -12.67 19.65
C THR A 69 20.69 -12.85 18.15
N GLN A 70 21.00 -14.03 17.63
CA GLN A 70 20.90 -14.24 16.20
C GLN A 70 19.91 -15.32 15.82
N TYR A 71 18.98 -14.93 14.95
CA TYR A 71 17.93 -15.82 14.51
C TYR A 71 17.70 -15.64 13.01
N SER A 72 16.98 -16.58 12.42
CA SER A 72 16.69 -16.48 11.01
C SER A 72 15.52 -17.35 10.64
N LEU A 73 14.83 -16.94 9.59
CA LEU A 73 13.68 -17.67 9.08
C LEU A 73 14.11 -18.21 7.74
N LYS A 74 13.96 -19.49 7.54
CA LYS A 74 14.33 -20.11 6.27
C LYS A 74 13.07 -20.54 5.53
N ILE A 75 12.99 -20.22 4.24
CA ILE A 75 11.85 -20.61 3.42
C ILE A 75 12.40 -21.35 2.19
N ASN A 76 12.18 -22.66 2.13
CA ASN A 76 12.68 -23.40 0.98
C ASN A 76 11.56 -23.75 0.02
N SER A 77 11.92 -23.92 -1.25
CA SER A 77 10.98 -24.26 -2.29
C SER A 77 9.79 -23.31 -2.25
N LEU A 78 10.07 -22.03 -2.48
CA LEU A 78 9.04 -21.00 -2.45
C LEU A 78 7.81 -21.29 -3.30
N GLN A 79 6.66 -20.93 -2.76
CA GLN A 79 5.37 -21.10 -3.43
C GLN A 79 4.91 -19.66 -3.76
N PRO A 80 4.03 -19.50 -4.76
CA PRO A 80 3.60 -18.13 -5.07
C PRO A 80 3.00 -17.35 -3.91
N GLU A 81 2.34 -18.02 -2.96
CA GLU A 81 1.74 -17.30 -1.84
C GLU A 81 2.78 -16.89 -0.79
N ASP A 82 4.04 -17.26 -0.99
CA ASP A 82 5.10 -16.92 -0.05
C ASP A 82 5.64 -15.51 -0.28
N PHE A 83 5.32 -14.90 -1.41
CA PHE A 83 5.83 -13.57 -1.65
C PHE A 83 5.04 -12.49 -0.93
N GLY A 84 5.79 -11.60 -0.28
CA GLY A 84 5.20 -10.51 0.47
C GLY A 84 6.25 -9.98 1.41
N THR A 85 5.83 -9.45 2.55
CA THR A 85 6.77 -8.89 3.51
C THR A 85 6.81 -9.71 4.78
N TYR A 86 8.02 -9.83 5.35
CA TYR A 86 8.27 -10.59 6.56
C TYR A 86 8.81 -9.68 7.68
N TYR A 87 8.43 -9.98 8.91
CA TYR A 87 8.91 -9.21 10.06
C TYR A 87 9.21 -10.12 11.22
N CYS A 88 10.27 -9.84 11.95
CA CYS A 88 10.56 -10.61 13.14
C CYS A 88 10.07 -9.71 14.26
N HIS A 89 9.75 -10.30 15.41
CA HIS A 89 9.24 -9.55 16.56
C HIS A 89 9.69 -10.21 17.86
N HIS A 90 10.56 -9.57 18.67
CA HIS A 90 11.01 -10.20 19.91
C HIS A 90 10.02 -9.81 21.01
N PHE A 91 9.91 -10.66 22.02
CA PHE A 91 9.03 -10.38 23.13
C PHE A 91 9.64 -10.82 24.44
N TRP A 92 10.95 -10.61 24.57
CA TRP A 92 11.66 -10.96 25.79
C TRP A 92 11.47 -9.91 26.88
N SER A 93 11.50 -8.64 26.48
CA SER A 93 11.34 -7.54 27.43
C SER A 93 10.73 -6.37 26.70
N THR A 94 9.97 -5.56 27.42
CA THR A 94 9.34 -4.40 26.80
C THR A 94 10.42 -3.38 26.49
N PRO A 95 10.33 -2.72 25.32
CA PRO A 95 9.26 -2.94 24.34
C PRO A 95 9.53 -4.12 23.41
N TRP A 96 8.46 -4.83 23.03
CA TRP A 96 8.55 -5.96 22.11
C TRP A 96 8.70 -5.34 20.73
N THR A 97 9.94 -5.10 20.32
CA THR A 97 10.21 -4.45 19.04
C THR A 97 10.22 -5.35 17.81
N PHE A 98 9.83 -4.76 16.68
CA PHE A 98 9.80 -5.47 15.40
C PHE A 98 11.06 -5.18 14.62
N GLY A 99 11.37 -6.08 13.68
CA GLY A 99 12.52 -5.86 12.83
C GLY A 99 11.97 -4.91 11.78
N GLY A 100 12.83 -4.25 11.00
CA GLY A 100 12.35 -3.32 9.99
C GLY A 100 11.61 -3.98 8.84
N GLY A 101 11.70 -5.31 8.75
CA GLY A 101 11.01 -6.03 7.69
C GLY A 101 11.84 -6.38 6.46
N THR A 102 11.39 -7.41 5.74
CA THR A 102 12.04 -7.87 4.52
C THR A 102 10.99 -8.00 3.43
N LYS A 103 11.21 -7.33 2.30
CA LYS A 103 10.27 -7.41 1.19
C LYS A 103 10.76 -8.50 0.24
N LEU A 104 9.98 -9.57 0.11
CA LEU A 104 10.33 -10.68 -0.78
C LEU A 104 9.47 -10.60 -2.03
N GLU A 105 10.10 -10.32 -3.16
CA GLU A 105 9.39 -10.18 -4.42
C GLU A 105 9.76 -11.23 -5.48
N VAL A 106 8.90 -11.39 -6.47
CA VAL A 106 9.11 -12.38 -7.53
C VAL A 106 10.13 -11.97 -8.57
N LYS A 107 11.06 -12.88 -8.84
CA LYS A 107 12.10 -12.66 -9.83
C LYS A 107 11.58 -13.25 -11.14
N ARG A 108 11.59 -12.42 -12.19
CA ARG A 108 11.13 -12.84 -13.51
C ARG A 108 11.97 -12.16 -14.57
N ALA A 109 11.71 -12.50 -15.83
CA ALA A 109 12.46 -11.92 -16.93
C ALA A 109 12.15 -10.44 -17.11
N ASP A 110 13.16 -9.70 -17.56
CA ASP A 110 13.01 -8.26 -17.79
C ASP A 110 11.87 -8.00 -18.77
N ALA A 111 11.22 -6.86 -18.61
CA ALA A 111 10.13 -6.46 -19.48
C ALA A 111 10.14 -4.95 -19.58
N ALA A 112 10.17 -4.43 -20.80
CA ALA A 112 10.18 -2.99 -21.00
C ALA A 112 8.79 -2.46 -20.73
N PRO A 113 8.69 -1.23 -20.20
CA PRO A 113 7.35 -0.70 -19.92
C PRO A 113 6.60 -0.39 -21.21
N THR A 114 5.27 -0.44 -21.15
CA THR A 114 4.43 -0.08 -22.28
C THR A 114 3.98 1.32 -21.92
N VAL A 115 4.39 2.30 -22.71
CA VAL A 115 4.08 3.70 -22.44
C VAL A 115 2.83 4.25 -23.13
N SER A 116 2.01 4.95 -22.36
CA SER A 116 0.78 5.56 -22.88
C SER A 116 0.71 6.99 -22.33
N ILE A 117 0.47 7.96 -23.21
CA ILE A 117 0.37 9.34 -22.79
C ILE A 117 -1.05 9.83 -23.06
N PHE A 118 -1.58 10.65 -22.17
CA PHE A 118 -2.95 11.15 -22.29
C PHE A 118 -3.06 12.66 -22.12
N PRO A 119 -3.60 13.35 -23.13
CA PRO A 119 -3.77 14.80 -23.05
C PRO A 119 -4.88 15.11 -22.04
N PRO A 120 -4.96 16.36 -21.58
CA PRO A 120 -6.01 16.71 -20.63
C PRO A 120 -7.38 16.45 -21.24
N SER A 121 -8.37 16.14 -20.40
CA SER A 121 -9.71 15.88 -20.91
C SER A 121 -10.37 17.24 -21.17
N SER A 122 -11.43 17.23 -21.97
CA SER A 122 -12.14 18.46 -22.27
C SER A 122 -12.83 18.96 -21.01
N GLU A 123 -13.35 18.03 -20.21
CA GLU A 123 -14.03 18.41 -18.98
C GLU A 123 -13.06 19.19 -18.09
N GLN A 124 -11.89 18.63 -17.82
CA GLN A 124 -10.92 19.33 -16.96
C GLN A 124 -10.46 20.65 -17.58
N LEU A 125 -10.26 20.67 -18.89
CA LEU A 125 -9.82 21.87 -19.58
C LEU A 125 -10.86 22.98 -19.38
N THR A 126 -12.14 22.60 -19.46
CA THR A 126 -13.23 23.54 -19.28
C THR A 126 -13.24 24.10 -17.86
N SER A 127 -12.75 23.30 -16.91
CA SER A 127 -12.71 23.76 -15.52
C SER A 127 -11.47 24.58 -15.24
N GLY A 128 -10.64 24.80 -16.25
CA GLY A 128 -9.45 25.61 -16.08
C GLY A 128 -8.17 24.86 -15.74
N GLY A 129 -8.24 23.54 -15.66
CA GLY A 129 -7.06 22.76 -15.34
C GLY A 129 -6.56 21.90 -16.49
N ALA A 130 -5.29 21.49 -16.41
CA ALA A 130 -4.71 20.66 -17.46
C ALA A 130 -3.71 19.63 -16.91
N SER A 131 -4.16 18.40 -16.72
CA SER A 131 -3.29 17.35 -16.23
C SER A 131 -2.94 16.43 -17.39
N VAL A 132 -1.65 16.24 -17.64
CA VAL A 132 -1.21 15.35 -18.70
C VAL A 132 -0.78 14.08 -17.97
N VAL A 133 -1.36 12.94 -18.35
CA VAL A 133 -1.05 11.69 -17.69
C VAL A 133 -0.24 10.72 -18.54
N CYS A 134 0.70 10.03 -17.89
CA CYS A 134 1.54 9.06 -18.56
C CYS A 134 1.57 7.77 -17.75
N PHE A 135 1.29 6.65 -18.41
CA PHE A 135 1.32 5.35 -17.76
C PHE A 135 2.54 4.59 -18.28
N LEU A 136 3.29 3.97 -17.37
CA LEU A 136 4.43 3.14 -17.75
C LEU A 136 4.01 1.82 -17.11
N ASN A 137 3.33 1.00 -17.91
CA ASN A 137 2.79 -0.27 -17.46
C ASN A 137 3.53 -1.56 -17.73
N ASN A 138 3.34 -2.49 -16.81
CA ASN A 138 3.89 -3.84 -16.86
C ASN A 138 5.34 -4.01 -17.26
N PHE A 139 6.24 -3.48 -16.43
CA PHE A 139 7.66 -3.60 -16.66
C PHE A 139 8.33 -4.35 -15.51
N TYR A 140 9.58 -4.75 -15.72
CA TYR A 140 10.37 -5.45 -14.72
C TYR A 140 11.82 -5.41 -15.18
N PRO A 141 12.76 -5.12 -14.26
CA PRO A 141 12.65 -4.86 -12.83
C PRO A 141 11.97 -3.52 -12.46
N LYS A 142 11.72 -3.34 -11.18
CA LYS A 142 11.03 -2.15 -10.67
C LYS A 142 11.71 -0.80 -10.84
N ASP A 143 13.04 -0.76 -10.94
CA ASP A 143 13.71 0.52 -11.08
C ASP A 143 13.40 1.17 -12.42
N ILE A 144 12.97 2.43 -12.38
CA ILE A 144 12.63 3.15 -13.60
C ILE A 144 12.61 4.64 -13.34
N ASN A 145 12.82 5.42 -14.39
CA ASN A 145 12.79 6.87 -14.29
C ASN A 145 11.92 7.44 -15.40
N VAL A 146 11.22 8.54 -15.07
CA VAL A 146 10.36 9.22 -16.04
C VAL A 146 10.86 10.65 -16.21
N LYS A 147 10.85 11.12 -17.45
CA LYS A 147 11.29 12.48 -17.76
C LYS A 147 10.29 13.11 -18.72
N TRP A 148 9.80 14.29 -18.36
CA TRP A 148 8.84 15.00 -19.19
C TRP A 148 9.53 16.05 -20.02
N LYS A 149 8.99 16.28 -21.21
CA LYS A 149 9.52 17.28 -22.12
C LYS A 149 8.36 18.01 -22.76
N ILE A 150 8.46 19.33 -22.79
CA ILE A 150 7.45 20.18 -23.40
C ILE A 150 8.22 21.03 -24.42
N ASP A 151 7.81 20.94 -25.68
CA ASP A 151 8.49 21.67 -26.75
C ASP A 151 9.99 21.42 -26.68
N GLY A 152 10.37 20.15 -26.48
CA GLY A 152 11.76 19.76 -26.43
C GLY A 152 12.53 20.09 -25.17
N SER A 153 11.92 20.83 -24.25
CA SER A 153 12.61 21.18 -23.02
C SER A 153 12.09 20.38 -21.84
N GLU A 154 13.00 19.92 -20.99
CA GLU A 154 12.60 19.14 -19.83
C GLU A 154 11.84 19.97 -18.81
N ARG A 155 10.73 19.41 -18.31
CA ARG A 155 9.91 20.08 -17.31
C ARG A 155 10.03 19.26 -16.03
N GLN A 156 10.30 19.92 -14.91
CA GLN A 156 10.45 19.19 -13.66
C GLN A 156 9.39 19.49 -12.61
N ASN A 157 8.90 20.72 -12.56
CA ASN A 157 7.88 21.09 -11.57
C ASN A 157 6.47 20.70 -12.01
N GLY A 158 5.64 20.36 -11.04
CA GLY A 158 4.26 19.98 -11.34
C GLY A 158 4.08 18.50 -11.63
N VAL A 159 5.15 17.72 -11.48
CA VAL A 159 5.12 16.29 -11.74
C VAL A 159 5.02 15.43 -10.47
N LEU A 160 3.97 14.62 -10.40
CA LEU A 160 3.76 13.72 -9.26
C LEU A 160 3.75 12.29 -9.81
N ASN A 161 4.41 11.38 -9.11
CA ASN A 161 4.48 9.98 -9.55
C ASN A 161 3.97 9.01 -8.51
N SER A 162 3.48 7.85 -8.99
CA SER A 162 2.98 6.79 -8.13
C SER A 162 3.43 5.45 -8.74
N TRP A 163 3.69 4.47 -7.87
CA TRP A 163 4.16 3.15 -8.32
C TRP A 163 3.33 2.03 -7.67
N THR A 164 2.88 1.06 -8.45
CA THR A 164 2.10 -0.05 -7.88
C THR A 164 3.06 -1.06 -7.27
N ASP A 165 2.53 -1.98 -6.48
CA ASP A 165 3.38 -3.02 -5.90
C ASP A 165 3.41 -4.08 -6.99
N GLN A 166 4.31 -5.06 -6.88
CA GLN A 166 4.40 -6.10 -7.88
C GLN A 166 3.04 -6.75 -8.14
N ASP A 167 2.71 -6.95 -9.42
CA ASP A 167 1.42 -7.54 -9.76
C ASP A 167 1.34 -9.01 -9.45
N SER A 168 0.30 -9.41 -8.73
CA SER A 168 0.14 -10.80 -8.35
C SER A 168 -0.09 -11.75 -9.52
N LYS A 169 -0.41 -11.20 -10.69
CA LYS A 169 -0.66 -12.01 -11.87
C LYS A 169 0.52 -12.20 -12.82
N ASP A 170 1.21 -11.12 -13.16
CA ASP A 170 2.36 -11.25 -14.07
C ASP A 170 3.69 -10.86 -13.46
N SER A 171 3.67 -10.52 -12.17
CA SER A 171 4.88 -10.14 -11.46
C SER A 171 5.59 -8.90 -12.00
N THR A 172 4.87 -8.04 -12.73
CA THR A 172 5.47 -6.82 -13.26
C THR A 172 5.13 -5.65 -12.36
N TYR A 173 5.69 -4.48 -12.69
CA TYR A 173 5.45 -3.25 -11.94
C TYR A 173 4.83 -2.25 -12.91
N SER A 174 4.24 -1.19 -12.37
CA SER A 174 3.63 -0.14 -13.19
C SER A 174 3.83 1.19 -12.51
N MET A 175 3.87 2.25 -13.29
CA MET A 175 4.07 3.59 -12.74
C MET A 175 3.21 4.60 -13.48
N SER A 176 2.69 5.58 -12.75
CA SER A 176 1.89 6.63 -13.38
C SER A 176 2.59 7.94 -13.10
N SER A 177 2.65 8.81 -14.11
CA SER A 177 3.30 10.10 -13.94
C SER A 177 2.35 11.19 -14.43
N THR A 178 2.03 12.13 -13.54
CA THR A 178 1.11 13.19 -13.87
C THR A 178 1.72 14.60 -13.77
N LEU A 179 1.63 15.33 -14.88
CA LEU A 179 2.13 16.70 -14.93
C LEU A 179 0.89 17.59 -14.90
N THR A 180 0.74 18.36 -13.82
CA THR A 180 -0.42 19.24 -13.71
C THR A 180 -0.06 20.68 -14.08
N LEU A 181 -0.84 21.24 -15.00
CA LEU A 181 -0.62 22.59 -15.46
C LEU A 181 -1.95 23.34 -15.45
N THR A 182 -1.87 24.65 -15.59
CA THR A 182 -3.07 25.47 -15.66
C THR A 182 -3.46 25.37 -17.13
N LYS A 183 -4.68 25.77 -17.45
CA LYS A 183 -5.13 25.72 -18.83
C LYS A 183 -4.29 26.65 -19.71
N ASP A 184 -3.98 27.84 -19.20
CA ASP A 184 -3.18 28.80 -19.96
C ASP A 184 -1.79 28.25 -20.19
N GLU A 185 -1.19 27.74 -19.13
CA GLU A 185 0.14 27.18 -19.19
C GLU A 185 0.20 26.07 -20.23
N TYR A 186 -0.76 25.14 -20.16
CA TYR A 186 -0.82 24.02 -21.09
C TYR A 186 -0.98 24.44 -22.55
N GLU A 187 -1.74 25.51 -22.78
CA GLU A 187 -1.96 25.97 -24.14
C GLU A 187 -0.86 26.85 -24.70
N ARG A 188 0.17 27.13 -23.89
CA ARG A 188 1.29 27.94 -24.33
C ARG A 188 2.30 27.06 -25.05
N HIS A 189 2.10 25.75 -25.01
CA HIS A 189 3.03 24.82 -25.64
C HIS A 189 2.35 23.82 -26.57
N ASN A 190 3.15 23.23 -27.46
CA ASN A 190 2.63 22.29 -28.45
C ASN A 190 2.88 20.81 -28.22
N SER A 191 4.16 20.42 -28.15
CA SER A 191 4.51 19.02 -27.97
C SER A 191 4.77 18.60 -26.53
N TYR A 192 4.10 17.52 -26.12
CA TYR A 192 4.24 16.97 -24.78
C TYR A 192 4.79 15.55 -24.92
N THR A 193 5.89 15.29 -24.23
CA THR A 193 6.56 13.99 -24.30
C THR A 193 6.89 13.36 -22.95
N CYS A 194 6.60 12.07 -22.85
CA CYS A 194 6.88 11.27 -21.65
C CYS A 194 7.99 10.29 -22.04
N GLU A 195 9.09 10.30 -21.30
CA GLU A 195 10.20 9.38 -21.60
C GLU A 195 10.59 8.53 -20.41
N ALA A 196 10.61 7.22 -20.59
CA ALA A 196 11.00 6.32 -19.52
C ALA A 196 12.43 5.84 -19.75
N THR A 197 13.16 5.66 -18.67
CA THR A 197 14.51 5.16 -18.73
C THR A 197 14.42 3.88 -17.93
N HIS A 198 14.69 2.76 -18.59
CA HIS A 198 14.62 1.45 -17.97
C HIS A 198 15.80 0.61 -18.46
N LYS A 199 16.18 -0.43 -17.73
CA LYS A 199 17.33 -1.24 -18.13
C LYS A 199 17.10 -2.02 -19.42
N THR A 200 15.85 -2.14 -19.84
CA THR A 200 15.55 -2.87 -21.06
C THR A 200 15.94 -2.12 -22.33
N SER A 201 16.46 -0.89 -22.19
CA SER A 201 16.87 -0.12 -23.36
C SER A 201 17.88 0.96 -22.98
N THR A 202 18.87 1.19 -23.83
CA THR A 202 19.85 2.23 -23.56
C THR A 202 19.32 3.54 -24.11
N SER A 203 18.14 3.49 -24.72
CA SER A 203 17.51 4.68 -25.26
C SER A 203 16.22 4.93 -24.50
N PRO A 204 15.74 6.17 -24.53
CA PRO A 204 14.49 6.45 -23.82
C PRO A 204 13.37 5.72 -24.55
N ILE A 205 12.37 5.29 -23.79
CA ILE A 205 11.21 4.61 -24.34
C ILE A 205 10.16 5.72 -24.23
N VAL A 206 9.73 6.25 -25.36
CA VAL A 206 8.83 7.39 -25.34
C VAL A 206 7.45 7.31 -25.95
N LYS A 207 6.67 8.32 -25.61
CA LYS A 207 5.32 8.48 -26.12
C LYS A 207 5.03 9.96 -25.97
N SER A 208 4.53 10.57 -27.05
CA SER A 208 4.22 11.98 -27.00
C SER A 208 3.01 12.31 -27.86
N PHE A 209 2.63 13.59 -27.87
CA PHE A 209 1.50 14.05 -28.65
C PHE A 209 1.62 15.55 -28.79
N ASN A 210 1.01 16.10 -29.84
CA ASN A 210 1.03 17.53 -30.05
C ASN A 210 -0.36 18.03 -29.73
N ARG A 211 -0.46 19.08 -28.92
CA ARG A 211 -1.74 19.64 -28.53
C ARG A 211 -2.52 19.96 -29.80
N ASN A 212 -1.79 20.10 -30.90
CA ASN A 212 -2.35 20.40 -32.21
C ASN A 212 -2.38 19.14 -33.09
N GLU A 213 -3.48 18.39 -33.02
CA GLU A 213 -3.64 17.17 -33.81
C GLU A 213 -4.86 16.35 -33.39
N GLN B 1 -13.39 -20.72 15.74
CA GLN B 1 -12.00 -20.17 15.80
C GLN B 1 -11.99 -18.77 16.39
N ILE B 2 -10.94 -18.46 17.14
CA ILE B 2 -10.81 -17.15 17.77
C ILE B 2 -10.69 -16.06 16.71
N GLN B 3 -11.62 -15.11 16.73
CA GLN B 3 -11.60 -14.02 15.77
C GLN B 3 -11.70 -12.66 16.45
N LEU B 4 -10.84 -11.74 16.04
CA LEU B 4 -10.84 -10.38 16.58
C LEU B 4 -11.37 -9.44 15.52
N VAL B 5 -12.46 -8.76 15.84
CA VAL B 5 -13.05 -7.82 14.92
C VAL B 5 -12.84 -6.43 15.47
N GLN B 6 -12.37 -5.52 14.62
CA GLN B 6 -12.13 -4.14 15.04
C GLN B 6 -13.18 -3.22 14.43
N SER B 7 -13.36 -2.05 15.05
CA SER B 7 -14.32 -1.05 14.59
C SER B 7 -13.86 -0.45 13.27
N GLY B 8 -14.79 0.18 12.55
CA GLY B 8 -14.52 0.76 11.26
C GLY B 8 -13.55 1.92 11.15
N PRO B 9 -13.27 2.38 9.91
CA PRO B 9 -12.35 3.49 9.65
C PRO B 9 -12.69 4.75 10.46
N GLU B 10 -11.65 5.49 10.84
CA GLU B 10 -11.83 6.71 11.61
C GLU B 10 -11.23 7.92 10.93
N LEU B 11 -11.91 9.06 11.04
CA LEU B 11 -11.45 10.32 10.48
C LEU B 11 -11.55 11.37 11.58
N LYS B 12 -10.41 11.93 11.98
CA LYS B 12 -10.38 12.92 13.05
C LYS B 12 -9.51 14.13 12.72
N LYS B 13 -9.67 15.17 13.51
CA LYS B 13 -8.89 16.40 13.33
C LYS B 13 -7.81 16.49 14.41
N PRO B 14 -6.68 17.14 14.08
CA PRO B 14 -5.58 17.30 15.03
C PRO B 14 -6.12 17.75 16.38
N GLY B 15 -5.69 17.08 17.45
CA GLY B 15 -6.15 17.47 18.78
C GLY B 15 -7.33 16.69 19.35
N GLU B 16 -8.03 15.95 18.50
CA GLU B 16 -9.19 15.20 18.97
C GLU B 16 -8.82 13.84 19.60
N THR B 17 -9.85 13.10 19.99
CA THR B 17 -9.70 11.79 20.62
C THR B 17 -10.42 10.71 19.81
N VAL B 18 -9.85 9.50 19.79
CA VAL B 18 -10.48 8.40 19.06
C VAL B 18 -10.39 7.11 19.87
N ARG B 19 -11.43 6.29 19.79
CA ARG B 19 -11.45 5.02 20.50
C ARG B 19 -11.67 3.90 19.48
N ILE B 20 -10.76 2.93 19.48
CA ILE B 20 -10.86 1.80 18.57
C ILE B 20 -11.13 0.55 19.38
N SER B 21 -12.20 -0.14 19.05
CA SER B 21 -12.56 -1.36 19.77
C SER B 21 -12.08 -2.60 19.04
N CYS B 22 -11.88 -3.66 19.83
CA CYS B 22 -11.41 -4.94 19.34
C CYS B 22 -12.24 -5.97 20.09
N LYS B 23 -13.20 -6.59 19.39
CA LYS B 23 -14.08 -7.57 20.02
C LYS B 23 -13.75 -8.99 19.64
N ALA B 24 -13.48 -9.82 20.62
CA ALA B 24 -13.14 -11.21 20.39
C ALA B 24 -14.38 -12.10 20.40
N SER B 25 -14.41 -13.07 19.49
CA SER B 25 -15.51 -14.01 19.42
C SER B 25 -15.66 -14.68 20.78
N ASP B 26 -14.53 -15.08 21.37
CA ASP B 26 -14.51 -15.70 22.68
C ASP B 26 -13.81 -14.74 23.63
N TYR B 27 -13.09 -15.31 24.60
CA TYR B 27 -12.32 -14.55 25.59
C TYR B 27 -12.10 -15.40 26.83
N MET B 30 -8.86 -11.66 28.43
CA MET B 30 -8.64 -12.18 29.77
C MET B 30 -7.89 -13.50 29.74
N THR B 31 -8.08 -14.24 28.65
CA THR B 31 -7.45 -15.54 28.52
C THR B 31 -5.92 -15.53 28.50
N SER B 32 -5.32 -14.48 27.95
CA SER B 32 -3.86 -14.46 27.87
C SER B 32 -3.17 -13.12 27.65
N GLY B 33 -3.93 -12.06 27.49
CA GLY B 33 -3.31 -10.76 27.27
C GLY B 33 -3.32 -10.42 25.80
N MET B 34 -3.16 -9.15 25.49
CA MET B 34 -3.19 -8.71 24.11
C MET B 34 -2.24 -7.54 23.87
N GLN B 35 -2.07 -7.17 22.61
CA GLN B 35 -1.18 -6.08 22.24
C GLN B 35 -1.78 -5.27 21.10
N TRP B 36 -1.29 -4.05 20.93
CA TRP B 36 -1.73 -3.19 19.84
C TRP B 36 -0.51 -2.85 19.03
N VAL B 37 -0.68 -2.75 17.73
CA VAL B 37 0.43 -2.46 16.84
C VAL B 37 0.00 -1.39 15.85
N GLN B 38 0.94 -0.50 15.53
CA GLN B 38 0.70 0.60 14.59
C GLN B 38 1.45 0.35 13.29
N GLN B 39 0.85 0.74 12.17
CA GLN B 39 1.49 0.61 10.87
C GLN B 39 1.17 1.85 10.04
N MET B 40 2.13 2.73 9.92
CA MET B 40 1.94 3.94 9.13
C MET B 40 1.97 3.59 7.65
N PRO B 41 1.24 4.36 6.83
CA PRO B 41 1.19 4.09 5.39
C PRO B 41 2.56 3.79 4.78
N GLY B 42 2.66 2.61 4.18
CA GLY B 42 3.91 2.18 3.56
C GLY B 42 5.06 1.85 4.49
N LYS B 43 4.84 1.94 5.80
CA LYS B 43 5.89 1.66 6.78
C LYS B 43 5.78 0.29 7.43
N GLY B 44 6.75 -0.02 8.28
CA GLY B 44 6.75 -1.31 8.96
C GLY B 44 5.84 -1.35 10.18
N LEU B 45 5.80 -2.50 10.83
CA LEU B 45 4.98 -2.69 12.01
C LEU B 45 5.72 -2.05 13.19
N LYS B 46 4.97 -1.41 14.07
CA LYS B 46 5.56 -0.75 15.23
C LYS B 46 4.70 -1.08 16.42
N TRP B 47 5.32 -1.69 17.43
CA TRP B 47 4.62 -2.10 18.64
C TRP B 47 4.27 -0.90 19.50
N ILE B 48 2.99 -0.78 19.85
CA ILE B 48 2.52 0.32 20.68
C ILE B 48 2.67 -0.06 22.15
N GLY B 49 2.28 -1.30 22.46
CA GLY B 49 2.38 -1.81 23.82
C GLY B 49 1.50 -3.02 23.99
N TRP B 50 1.45 -3.58 25.19
CA TRP B 50 0.59 -4.72 25.41
C TRP B 50 -0.12 -4.57 26.75
N LEU B 51 -1.22 -5.27 26.92
CA LEU B 51 -2.00 -5.20 28.13
C LEU B 51 -2.12 -6.56 28.79
N ASN B 52 -1.61 -6.66 30.02
CA ASN B 52 -1.67 -7.91 30.78
C ASN B 52 -3.09 -8.04 31.32
N THR B 53 -3.98 -8.62 30.52
CA THR B 53 -5.39 -8.80 30.91
C THR B 53 -5.61 -9.41 32.30
N GLN B 54 -4.58 -10.09 32.81
CA GLN B 54 -4.67 -10.73 34.11
C GLN B 54 -4.49 -9.72 35.25
N SER B 55 -3.37 -8.99 35.24
CA SER B 55 -3.09 -8.00 36.27
C SER B 55 -3.72 -6.65 35.94
N GLY B 56 -4.24 -6.52 34.72
CA GLY B 56 -4.83 -5.27 34.30
C GLY B 56 -3.78 -4.21 34.01
N VAL B 57 -2.52 -4.57 34.16
CA VAL B 57 -1.43 -3.63 33.93
C VAL B 57 -0.97 -3.55 32.48
N PRO B 58 -0.88 -2.33 31.94
CA PRO B 58 -0.44 -2.15 30.55
C PRO B 58 1.03 -1.71 30.47
N GLU B 59 1.65 -1.94 29.32
CA GLU B 59 3.04 -1.52 29.11
C GLU B 59 3.10 -0.87 27.75
N TYR B 60 3.62 0.34 27.70
CA TYR B 60 3.70 1.07 26.46
C TYR B 60 5.11 1.31 25.97
N ALA B 61 5.26 1.40 24.65
CA ALA B 61 6.55 1.69 24.05
C ALA B 61 6.73 3.20 24.19
N GLU B 62 7.98 3.62 24.43
CA GLU B 62 8.34 5.03 24.62
C GLU B 62 7.54 6.07 23.83
N ASP B 63 7.50 5.92 22.51
CA ASP B 63 6.81 6.87 21.63
C ASP B 63 5.28 6.93 21.78
N PHE B 64 4.70 6.02 22.55
CA PHE B 64 3.26 6.01 22.69
C PHE B 64 2.78 6.37 24.09
N LYS B 65 3.70 6.45 25.03
CA LYS B 65 3.33 6.77 26.41
C LYS B 65 2.74 8.18 26.47
N GLY B 66 1.62 8.31 27.18
CA GLY B 66 0.98 9.61 27.30
C GLY B 66 -0.30 9.81 26.51
N ARG B 67 -0.26 9.57 25.20
CA ARG B 67 -1.44 9.77 24.35
C ARG B 67 -2.17 8.49 23.95
N PHE B 68 -1.59 7.33 24.25
CA PHE B 68 -2.22 6.06 23.89
C PHE B 68 -2.54 5.26 25.15
N ALA B 69 -3.76 4.77 25.25
CA ALA B 69 -4.15 4.00 26.41
C ALA B 69 -4.97 2.75 26.07
N PHE B 70 -4.67 1.65 26.75
CA PHE B 70 -5.39 0.40 26.54
C PHE B 70 -6.42 0.23 27.65
N SER B 71 -7.57 -0.34 27.31
CA SER B 71 -8.62 -0.60 28.28
C SER B 71 -9.32 -1.88 27.86
N LEU B 72 -10.21 -2.38 28.71
CA LEU B 72 -10.90 -3.62 28.43
C LEU B 72 -12.28 -3.65 29.09
N GLU B 73 -13.31 -3.96 28.33
CA GLU B 73 -14.67 -4.01 28.87
C GLU B 73 -15.35 -5.32 28.51
N THR B 77 -16.20 -9.85 25.44
CA THR B 77 -15.55 -8.70 26.04
C THR B 77 -14.86 -7.92 24.93
N THR B 78 -14.76 -6.62 25.11
CA THR B 78 -14.14 -5.79 24.11
C THR B 78 -12.92 -5.06 24.64
N ALA B 79 -11.89 -4.99 23.80
CA ALA B 79 -10.66 -4.28 24.17
C ALA B 79 -10.67 -2.95 23.43
N TYR B 80 -10.10 -1.94 24.06
CA TYR B 80 -10.07 -0.60 23.46
C TYR B 80 -8.67 0.00 23.41
N LEU B 81 -8.50 0.89 22.43
CA LEU B 81 -7.25 1.61 22.25
C LEU B 81 -7.71 3.05 22.12
N GLN B 82 -7.39 3.88 23.12
CA GLN B 82 -7.80 5.27 23.10
C GLN B 82 -6.60 6.17 22.86
N ILE B 83 -6.74 7.08 21.90
CA ILE B 83 -5.67 8.00 21.55
C ILE B 83 -6.17 9.44 21.70
N ASN B 84 -5.50 10.24 22.53
CA ASN B 84 -5.92 11.63 22.70
C ASN B 84 -4.86 12.58 22.17
N ASN B 85 -5.23 13.84 21.97
CA ASN B 85 -4.32 14.85 21.43
C ASN B 85 -3.73 14.37 20.11
N LEU B 86 -4.60 13.82 19.26
CA LEU B 86 -4.21 13.30 17.96
C LEU B 86 -3.35 14.26 17.12
N LYS B 87 -2.33 13.70 16.48
CA LYS B 87 -1.45 14.47 15.62
C LYS B 87 -1.58 13.86 14.25
N ASN B 88 -1.22 14.62 13.23
CA ASN B 88 -1.29 14.09 11.87
C ASN B 88 -0.50 12.78 11.80
N GLU B 89 0.64 12.73 12.49
CA GLU B 89 1.50 11.54 12.48
C GLU B 89 0.85 10.26 13.03
N ASP B 90 -0.34 10.37 13.60
CA ASP B 90 -1.00 9.18 14.13
C ASP B 90 -1.76 8.49 13.01
N THR B 91 -1.74 9.14 11.84
CA THR B 91 -2.41 8.58 10.68
C THR B 91 -1.75 7.26 10.37
N ALA B 92 -2.50 6.18 10.52
CA ALA B 92 -1.97 4.85 10.27
C ALA B 92 -3.08 3.84 10.46
N THR B 93 -2.71 2.57 10.35
CA THR B 93 -3.66 1.48 10.56
C THR B 93 -3.25 0.89 11.90
N TYR B 94 -4.24 0.58 12.74
CA TYR B 94 -3.97 0.02 14.05
C TYR B 94 -4.50 -1.40 14.14
N PHE B 95 -3.68 -2.28 14.69
CA PHE B 95 -4.06 -3.68 14.85
C PHE B 95 -4.06 -4.09 16.31
N CYS B 96 -5.00 -4.96 16.68
CA CYS B 96 -5.00 -5.51 18.02
C CYS B 96 -4.68 -6.97 17.79
N ALA B 97 -4.03 -7.60 18.75
CA ALA B 97 -3.67 -8.99 18.60
C ALA B 97 -3.58 -9.69 19.95
N THR B 98 -3.88 -10.98 19.94
CA THR B 98 -3.80 -11.77 21.15
C THR B 98 -3.19 -13.11 20.74
N TRP B 99 -3.04 -14.03 21.69
CA TRP B 99 -2.43 -15.31 21.38
C TRP B 99 -2.91 -16.40 22.33
N GLY B 100 -2.58 -17.65 22.00
CA GLY B 100 -2.97 -18.77 22.83
C GLY B 100 -2.80 -20.04 22.03
N GLY B 101 -2.89 -21.19 22.68
CA GLY B 101 -2.73 -22.43 21.96
C GLY B 101 -1.44 -22.40 21.15
N ASN B 102 -1.51 -22.72 19.88
CA ASN B 102 -0.31 -22.72 19.06
C ASN B 102 -0.34 -21.64 17.97
N SER B 103 -0.77 -20.43 18.34
CA SER B 103 -0.81 -19.35 17.37
C SER B 103 -1.19 -17.97 17.92
N ALA B 104 -1.30 -17.00 17.02
CA ALA B 104 -1.65 -15.64 17.39
C ALA B 104 -2.86 -15.22 16.59
N TYR B 105 -3.64 -14.30 17.11
CA TYR B 105 -4.83 -13.83 16.41
C TYR B 105 -4.84 -12.32 16.32
N TRP B 106 -4.79 -11.81 15.10
CA TRP B 106 -4.78 -10.38 14.85
C TRP B 106 -6.10 -9.91 14.26
N GLY B 107 -6.49 -8.69 14.60
CA GLY B 107 -7.73 -8.13 14.07
C GLY B 107 -7.48 -7.73 12.63
N GLN B 108 -8.51 -7.30 11.92
CA GLN B 108 -8.36 -6.93 10.51
C GLN B 108 -7.70 -5.55 10.36
N GLY B 109 -7.56 -4.85 11.47
CA GLY B 109 -6.95 -3.53 11.45
C GLY B 109 -7.99 -2.43 11.33
N THR B 110 -7.64 -1.24 11.80
CA THR B 110 -8.51 -0.07 11.74
C THR B 110 -7.69 1.10 11.23
N THR B 111 -8.14 1.75 10.15
CA THR B 111 -7.39 2.88 9.62
C THR B 111 -7.85 4.16 10.28
N LEU B 112 -6.87 5.01 10.61
CA LEU B 112 -7.15 6.29 11.22
C LEU B 112 -6.49 7.36 10.39
N THR B 113 -7.23 8.43 10.12
CA THR B 113 -6.68 9.53 9.38
C THR B 113 -6.89 10.75 10.25
N VAL B 114 -5.80 11.47 10.52
CA VAL B 114 -5.85 12.67 11.32
C VAL B 114 -5.39 13.83 10.45
N SER B 115 -6.31 14.74 10.15
CA SER B 115 -5.99 15.87 9.30
C SER B 115 -6.95 17.03 9.48
N SER B 116 -6.54 18.20 9.02
CA SER B 116 -7.34 19.41 9.12
C SER B 116 -8.27 19.51 7.90
N ALA B 117 -7.89 18.77 6.86
CA ALA B 117 -8.62 18.75 5.59
C ALA B 117 -10.11 18.43 5.72
N LYS B 118 -10.91 19.04 4.85
CA LYS B 118 -12.34 18.79 4.87
C LYS B 118 -12.67 17.69 3.88
N THR B 119 -13.58 16.78 4.26
CA THR B 119 -13.97 15.71 3.36
C THR B 119 -14.36 16.34 2.02
N THR B 120 -13.68 15.93 0.95
CA THR B 120 -13.93 16.47 -0.37
C THR B 120 -14.04 15.38 -1.42
N PRO B 121 -15.15 15.37 -2.19
CA PRO B 121 -15.36 14.37 -3.23
C PRO B 121 -14.37 14.56 -4.38
N PRO B 122 -14.09 13.48 -5.14
CA PRO B 122 -13.15 13.59 -6.26
C PRO B 122 -13.75 14.09 -7.57
N SER B 123 -12.89 14.66 -8.40
CA SER B 123 -13.28 15.11 -9.73
C SER B 123 -12.71 14.00 -10.61
N VAL B 124 -13.57 13.32 -11.34
CA VAL B 124 -13.13 12.21 -12.20
C VAL B 124 -13.05 12.64 -13.66
N TYR B 125 -11.91 12.39 -14.29
CA TYR B 125 -11.69 12.75 -15.68
C TYR B 125 -11.32 11.55 -16.54
N PRO B 126 -11.87 11.49 -17.77
CA PRO B 126 -11.57 10.36 -18.66
C PRO B 126 -10.20 10.49 -19.32
N LEU B 127 -9.51 9.36 -19.46
CA LEU B 127 -8.19 9.34 -20.09
C LEU B 127 -8.30 8.52 -21.38
N ALA B 128 -8.40 9.21 -22.51
CA ALA B 128 -8.51 8.55 -23.80
C ALA B 128 -7.31 8.90 -24.66
N PRO B 129 -6.94 7.99 -25.58
CA PRO B 129 -5.80 8.16 -26.51
C PRO B 129 -5.84 9.48 -27.26
N GLY B 130 -4.66 10.03 -27.55
CA GLY B 130 -4.59 11.29 -28.27
C GLY B 130 -5.42 11.33 -29.54
N ASN B 136 -3.55 -0.34 -33.05
CA ASN B 136 -3.03 -1.57 -32.47
C ASN B 136 -4.19 -2.48 -32.09
N SER B 137 -3.90 -3.73 -31.77
CA SER B 137 -4.94 -4.67 -31.38
C SER B 137 -5.42 -4.40 -29.95
N MET B 138 -4.57 -3.75 -29.16
CA MET B 138 -4.93 -3.43 -27.78
C MET B 138 -4.87 -1.92 -27.56
N VAL B 139 -5.68 -1.43 -26.64
CA VAL B 139 -5.70 -0.01 -26.34
C VAL B 139 -5.82 0.17 -24.84
N THR B 140 -5.03 1.09 -24.29
CA THR B 140 -5.07 1.34 -22.85
C THR B 140 -5.81 2.64 -22.55
N LEU B 141 -6.81 2.56 -21.67
CA LEU B 141 -7.59 3.74 -21.32
C LEU B 141 -7.41 3.99 -19.82
N GLY B 142 -8.02 5.05 -19.31
CA GLY B 142 -7.88 5.31 -17.89
C GLY B 142 -8.80 6.37 -17.33
N CYS B 143 -8.68 6.58 -16.03
CA CYS B 143 -9.46 7.58 -15.35
C CYS B 143 -8.60 8.27 -14.29
N LEU B 144 -8.66 9.59 -14.28
CA LEU B 144 -7.91 10.39 -13.34
C LEU B 144 -8.90 10.75 -12.24
N VAL B 145 -8.55 10.41 -11.01
CA VAL B 145 -9.40 10.70 -9.87
C VAL B 145 -8.63 11.74 -9.05
N LYS B 146 -9.04 12.99 -9.19
CA LYS B 146 -8.35 14.09 -8.56
C LYS B 146 -9.02 14.91 -7.46
N GLY B 147 -8.18 15.37 -6.54
CA GLY B 147 -8.61 16.23 -5.44
C GLY B 147 -9.61 15.75 -4.41
N TYR B 148 -9.44 14.54 -3.91
CA TYR B 148 -10.39 14.07 -2.92
C TYR B 148 -9.74 13.88 -1.56
N PHE B 149 -10.57 13.80 -0.53
CA PHE B 149 -10.11 13.58 0.84
C PHE B 149 -11.29 13.11 1.64
N PRO B 150 -11.09 12.10 2.50
CA PRO B 150 -9.85 11.39 2.79
C PRO B 150 -9.80 10.13 1.94
N GLU B 151 -8.85 9.24 2.24
CA GLU B 151 -8.73 7.98 1.53
C GLU B 151 -9.76 7.04 2.13
N PRO B 152 -10.21 6.05 1.36
CA PRO B 152 -9.76 5.86 -0.01
C PRO B 152 -10.94 5.97 -0.98
N VAL B 153 -10.68 5.59 -2.22
CA VAL B 153 -11.70 5.57 -3.24
C VAL B 153 -11.56 4.19 -3.85
N THR B 154 -12.66 3.66 -4.37
CA THR B 154 -12.61 2.36 -5.01
C THR B 154 -12.94 2.65 -6.47
N VAL B 155 -12.18 2.02 -7.36
CA VAL B 155 -12.39 2.20 -8.79
C VAL B 155 -12.66 0.88 -9.46
N THR B 156 -13.68 0.83 -10.31
CA THR B 156 -13.99 -0.38 -11.06
C THR B 156 -14.23 0.06 -12.48
N TRP B 157 -14.28 -0.91 -13.39
CA TRP B 157 -14.54 -0.60 -14.79
C TRP B 157 -15.72 -1.41 -15.23
N ASN B 158 -16.69 -0.74 -15.86
CA ASN B 158 -17.90 -1.40 -16.29
C ASN B 158 -18.46 -2.21 -15.14
N SER B 159 -18.64 -1.52 -14.01
CA SER B 159 -19.20 -2.11 -12.80
C SER B 159 -18.55 -3.43 -12.42
N GLY B 160 -17.26 -3.58 -12.72
CA GLY B 160 -16.57 -4.81 -12.37
C GLY B 160 -16.55 -5.86 -13.46
N SER B 161 -17.36 -5.70 -14.50
CA SER B 161 -17.38 -6.65 -15.60
C SER B 161 -16.02 -6.72 -16.29
N LEU B 162 -15.31 -5.60 -16.25
CA LEU B 162 -14.00 -5.48 -16.86
C LEU B 162 -12.99 -5.51 -15.72
N SER B 163 -12.43 -6.68 -15.45
CA SER B 163 -11.48 -6.82 -14.35
C SER B 163 -10.07 -7.17 -14.78
N SER B 164 -9.93 -7.84 -15.92
CA SER B 164 -8.61 -8.21 -16.39
C SER B 164 -7.95 -7.01 -17.09
N GLY B 165 -6.63 -6.96 -17.03
CA GLY B 165 -5.89 -5.87 -17.66
C GLY B 165 -6.12 -4.55 -16.94
N VAL B 166 -6.32 -4.63 -15.63
CA VAL B 166 -6.58 -3.46 -14.81
C VAL B 166 -5.70 -3.32 -13.58
N HIS B 167 -5.32 -2.08 -13.28
CA HIS B 167 -4.56 -1.79 -12.08
C HIS B 167 -4.74 -0.32 -11.75
N THR B 168 -4.94 -0.05 -10.47
CA THR B 168 -5.14 1.30 -9.99
C THR B 168 -3.95 1.69 -9.15
N PHE B 169 -3.35 2.83 -9.50
CA PHE B 169 -2.17 3.33 -8.80
C PHE B 169 -2.48 3.93 -7.44
N PRO B 170 -1.54 3.82 -6.51
CA PRO B 170 -1.73 4.39 -5.17
C PRO B 170 -1.89 5.91 -5.29
N ALA B 171 -2.72 6.50 -4.44
CA ALA B 171 -2.92 7.93 -4.49
C ALA B 171 -1.71 8.67 -3.90
N VAL B 172 -1.46 9.87 -4.39
CA VAL B 172 -0.38 10.68 -3.87
C VAL B 172 -1.07 11.88 -3.23
N LEU B 173 -0.48 12.41 -2.17
CA LEU B 173 -1.05 13.54 -1.46
C LEU B 173 -0.46 14.87 -1.88
N GLN B 174 -1.28 15.71 -2.50
CA GLN B 174 -0.82 17.02 -2.95
C GLN B 174 -1.64 18.14 -2.32
N SER B 175 -1.08 18.76 -1.28
CA SER B 175 -1.74 19.86 -0.57
C SER B 175 -3.05 19.44 0.07
N ASP B 176 -2.98 18.54 1.05
CA ASP B 176 -4.15 18.08 1.77
C ASP B 176 -5.13 17.26 0.92
N LEU B 177 -4.89 17.18 -0.38
CA LEU B 177 -5.79 16.40 -1.22
C LEU B 177 -5.09 15.24 -1.95
N TYR B 178 -5.85 14.18 -2.19
CA TYR B 178 -5.33 12.99 -2.86
C TYR B 178 -5.71 12.87 -4.33
N THR B 179 -4.80 12.30 -5.12
CA THR B 179 -5.03 12.10 -6.53
C THR B 179 -4.49 10.73 -6.92
N LEU B 180 -5.19 10.08 -7.84
CA LEU B 180 -4.80 8.76 -8.30
C LEU B 180 -5.37 8.56 -9.68
N SER B 181 -4.92 7.52 -10.37
CA SER B 181 -5.40 7.23 -11.70
C SER B 181 -5.55 5.71 -11.82
N SER B 182 -6.41 5.28 -12.71
CA SER B 182 -6.63 3.86 -12.93
C SER B 182 -6.46 3.55 -14.42
N SER B 183 -5.80 2.43 -14.71
CA SER B 183 -5.50 2.01 -16.05
C SER B 183 -6.23 0.72 -16.45
N VAL B 184 -6.76 0.69 -17.66
CA VAL B 184 -7.44 -0.52 -18.16
C VAL B 184 -7.05 -0.75 -19.62
N THR B 185 -6.69 -1.99 -19.96
CA THR B 185 -6.30 -2.32 -21.32
C THR B 185 -7.31 -3.29 -21.95
N VAL B 186 -7.90 -2.88 -23.06
CA VAL B 186 -8.89 -3.72 -23.75
C VAL B 186 -8.61 -3.81 -25.24
N PRO B 187 -9.17 -4.82 -25.90
CA PRO B 187 -8.96 -5.01 -27.35
C PRO B 187 -9.52 -3.80 -28.09
N SER B 188 -8.86 -3.39 -29.16
CA SER B 188 -9.34 -2.26 -29.94
C SER B 188 -10.66 -2.63 -30.63
N SER B 189 -10.97 -3.91 -30.68
CA SER B 189 -12.20 -4.36 -31.31
C SER B 189 -13.36 -4.25 -30.35
N THR B 190 -13.06 -3.91 -29.10
CA THR B 190 -14.07 -3.77 -28.07
C THR B 190 -14.41 -2.29 -27.88
N TRP B 191 -13.39 -1.44 -27.88
CA TRP B 191 -13.59 -0.01 -27.70
C TRP B 191 -13.12 0.75 -28.93
N PRO B 192 -13.83 1.81 -29.33
CA PRO B 192 -15.04 2.39 -28.73
C PRO B 192 -16.38 1.75 -29.14
N SER B 193 -16.33 0.62 -29.84
CA SER B 193 -17.58 -0.03 -30.25
C SER B 193 -18.46 -0.31 -29.04
N GLU B 194 -17.86 -0.87 -28.00
CA GLU B 194 -18.55 -1.17 -26.75
C GLU B 194 -18.09 -0.12 -25.74
N THR B 195 -19.03 0.40 -24.95
CA THR B 195 -18.70 1.43 -23.98
C THR B 195 -17.81 0.95 -22.83
N VAL B 196 -16.87 1.81 -22.43
CA VAL B 196 -15.96 1.53 -21.33
C VAL B 196 -16.14 2.68 -20.35
N THR B 197 -16.53 2.35 -19.12
CA THR B 197 -16.77 3.36 -18.09
C THR B 197 -16.07 3.03 -16.77
N CYS B 198 -15.49 4.03 -16.13
CA CYS B 198 -14.88 3.75 -14.84
C CYS B 198 -15.88 4.22 -13.80
N ASN B 199 -15.97 3.46 -12.70
CA ASN B 199 -16.87 3.80 -11.62
C ASN B 199 -16.00 4.12 -10.43
N VAL B 200 -16.18 5.32 -9.87
CA VAL B 200 -15.39 5.75 -8.73
C VAL B 200 -16.31 5.97 -7.53
N ALA B 201 -15.95 5.38 -6.41
CA ALA B 201 -16.74 5.55 -5.20
C ALA B 201 -15.84 6.15 -4.14
N HIS B 202 -16.37 7.12 -3.40
CA HIS B 202 -15.64 7.76 -2.32
C HIS B 202 -16.59 7.67 -1.12
N PRO B 203 -16.51 6.57 -0.36
CA PRO B 203 -17.35 6.31 0.81
C PRO B 203 -17.43 7.47 1.81
N ALA B 204 -16.29 8.11 2.07
CA ALA B 204 -16.25 9.21 3.04
C ALA B 204 -17.25 10.32 2.74
N SER B 205 -17.50 10.59 1.46
CA SER B 205 -18.46 11.63 1.11
C SER B 205 -19.69 11.00 0.50
N SER B 206 -19.77 9.67 0.60
CA SER B 206 -20.90 8.94 0.05
C SER B 206 -21.12 9.38 -1.39
N THR B 207 -20.05 9.30 -2.18
CA THR B 207 -20.09 9.72 -3.57
C THR B 207 -19.79 8.59 -4.54
N LYS B 208 -20.49 8.61 -5.67
CA LYS B 208 -20.29 7.63 -6.72
C LYS B 208 -20.36 8.40 -8.04
N VAL B 209 -19.33 8.23 -8.86
CA VAL B 209 -19.24 8.92 -10.15
C VAL B 209 -18.88 7.94 -11.26
N ASP B 210 -19.52 8.08 -12.41
CA ASP B 210 -19.25 7.25 -13.58
C ASP B 210 -18.72 8.15 -14.68
N LYS B 211 -17.66 7.72 -15.36
CA LYS B 211 -17.10 8.51 -16.46
C LYS B 211 -16.87 7.60 -17.65
N LYS B 212 -17.62 7.85 -18.71
CA LYS B 212 -17.50 7.05 -19.91
C LYS B 212 -16.25 7.49 -20.63
N ILE B 213 -15.51 6.55 -21.19
CA ILE B 213 -14.31 6.92 -21.92
C ILE B 213 -14.70 7.11 -23.37
N VAL B 214 -14.73 8.36 -23.82
CA VAL B 214 -15.11 8.68 -25.19
C VAL B 214 -13.91 9.05 -26.05
N PRO B 215 -13.81 8.46 -27.24
CA PRO B 215 -12.68 8.75 -28.14
C PRO B 215 -12.59 10.23 -28.50
N ARG B 216 -11.37 10.73 -28.63
CA ARG B 216 -11.14 12.13 -28.99
C ARG B 216 -11.90 12.48 -30.27
#